data_2OL9
# 
_entry.id   2OL9 
# 
_audit_conform.dict_name       mmcif_pdbx.dic 
_audit_conform.dict_version    5.389 
_audit_conform.dict_location   http://mmcif.pdb.org/dictionaries/ascii/mmcif_pdbx.dic 
# 
loop_
_database_2.database_id 
_database_2.database_code 
_database_2.pdbx_database_accession 
_database_2.pdbx_DOI 
PDB   2OL9         pdb_00002ol9 10.2210/pdb2ol9/pdb 
RCSB  RCSB041276   ?            ?                   
WWPDB D_1000041276 ?            ?                   
# 
loop_
_pdbx_audit_revision_history.ordinal 
_pdbx_audit_revision_history.data_content_type 
_pdbx_audit_revision_history.major_revision 
_pdbx_audit_revision_history.minor_revision 
_pdbx_audit_revision_history.revision_date 
1 'Structure model' 1 0 2007-01-30 
2 'Structure model' 1 1 2008-05-01 
3 'Structure model' 1 2 2011-07-13 
4 'Structure model' 1 3 2017-10-18 
5 'Structure model' 1 4 2018-01-24 
6 'Structure model' 1 5 2023-12-27 
7 'Structure model' 1 6 2024-04-03 
# 
_pdbx_audit_revision_details.ordinal             1 
_pdbx_audit_revision_details.revision_ordinal    1 
_pdbx_audit_revision_details.data_content_type   'Structure model' 
_pdbx_audit_revision_details.provider            repository 
_pdbx_audit_revision_details.type                'Initial release' 
_pdbx_audit_revision_details.description         ? 
_pdbx_audit_revision_details.details             ? 
# 
loop_
_pdbx_audit_revision_group.ordinal 
_pdbx_audit_revision_group.revision_ordinal 
_pdbx_audit_revision_group.data_content_type 
_pdbx_audit_revision_group.group 
1 2 'Structure model' 'Version format compliance' 
2 3 'Structure model' 'Version format compliance' 
3 4 'Structure model' 'Refinement description'    
4 5 'Structure model' 'Structure summary'         
5 6 'Structure model' 'Data collection'           
6 6 'Structure model' 'Database references'       
7 7 'Structure model' 'Refinement description'    
# 
loop_
_pdbx_audit_revision_category.ordinal 
_pdbx_audit_revision_category.revision_ordinal 
_pdbx_audit_revision_category.data_content_type 
_pdbx_audit_revision_category.category 
1 4 'Structure model' software                      
2 5 'Structure model' audit_author                  
3 6 'Structure model' chem_comp_atom                
4 6 'Structure model' chem_comp_bond                
5 6 'Structure model' database_2                    
6 7 'Structure model' pdbx_initial_refinement_model 
# 
loop_
_pdbx_audit_revision_item.ordinal 
_pdbx_audit_revision_item.revision_ordinal 
_pdbx_audit_revision_item.data_content_type 
_pdbx_audit_revision_item.item 
1 5 'Structure model' '_audit_author.name'                  
2 6 'Structure model' '_database_2.pdbx_DOI'                
3 6 'Structure model' '_database_2.pdbx_database_accession' 
# 
_pdbx_database_status.entry_id                        2OL9 
_pdbx_database_status.deposit_site                    RCSB 
_pdbx_database_status.process_site                    RCSB 
_pdbx_database_status.recvd_initial_deposition_date   2007-01-18 
_pdbx_database_status.status_code                     REL 
_pdbx_database_status.status_code_sf                  REL 
_pdbx_database_status.status_code_mr                  ? 
_pdbx_database_status.SG_entry                        ? 
_pdbx_database_status.pdb_format_compatible           Y 
_pdbx_database_status.status_code_cs                  ? 
_pdbx_database_status.methods_development_category    ? 
_pdbx_database_status.status_code_nmr_data            ? 
# 
_pdbx_database_related.db_name        PDB 
_pdbx_database_related.db_id          2OKZ 
_pdbx_database_related.details        . 
_pdbx_database_related.content_type   unspecified 
# 
loop_
_audit_author.name 
_audit_author.pdbx_ordinal 
'Apostol, M.A.' 1 
'Sawaya, M.R.'  2 
'Eisenberg, D.' 3 
# 
_citation.id                        primary 
_citation.title                     'Atomic structures of amyloid cross-beta spines reveal varied steric zippers.' 
_citation.journal_abbrev            Nature 
_citation.journal_volume            447 
_citation.page_first                453 
_citation.page_last                 457 
_citation.year                      2007 
_citation.journal_id_ASTM           NATUAS 
_citation.country                   UK 
_citation.journal_id_ISSN           0028-0836 
_citation.journal_id_CSD            0006 
_citation.book_publisher            ? 
_citation.pdbx_database_id_PubMed   17468747 
_citation.pdbx_database_id_DOI      10.1038/nature05695 
# 
loop_
_citation_author.citation_id 
_citation_author.name 
_citation_author.ordinal 
_citation_author.identifier_ORCID 
primary 'Sawaya, M.R.'    1  ? 
primary 'Sambashivan, S.' 2  ? 
primary 'Nelson, R.'      3  ? 
primary 'Ivanova, M.I.'   4  ? 
primary 'Sievers, S.A.'   5  ? 
primary 'Apostol, M.I.'   6  ? 
primary 'Thompson, M.J.'  7  ? 
primary 'Balbirnie, M.'   8  ? 
primary 'Wiltzius, J.J.'  9  ? 
primary 'McFarlane, H.T.' 10 ? 
primary 'Madsen, A.O.'    11 ? 
primary 'Riekel, C.'      12 ? 
primary 'Eisenberg, D.'   13 ? 
# 
loop_
_entity.id 
_entity.type 
_entity.src_method 
_entity.pdbx_description 
_entity.formula_weight 
_entity.pdbx_number_of_molecules 
_entity.pdbx_ec 
_entity.pdbx_mutation 
_entity.pdbx_fragment 
_entity.details 
1 polymer syn 'peptide from human prion' 722.704 1 ? ? 'residues 170-175' ? 
2 water   nat water                      18.015  5 ? ? ?                  ? 
# 
_entity_poly.entity_id                      1 
_entity_poly.type                           'polypeptide(L)' 
_entity_poly.nstd_linkage                   no 
_entity_poly.nstd_monomer                   no 
_entity_poly.pdbx_seq_one_letter_code       SNQNNF 
_entity_poly.pdbx_seq_one_letter_code_can   SNQNNF 
_entity_poly.pdbx_strand_id                 A 
_entity_poly.pdbx_target_identifier         ? 
# 
_pdbx_entity_nonpoly.entity_id   2 
_pdbx_entity_nonpoly.name        water 
_pdbx_entity_nonpoly.comp_id     HOH 
# 
loop_
_entity_poly_seq.entity_id 
_entity_poly_seq.num 
_entity_poly_seq.mon_id 
_entity_poly_seq.hetero 
1 1 SER n 
1 2 ASN n 
1 3 GLN n 
1 4 ASN n 
1 5 ASN n 
1 6 PHE n 
# 
_pdbx_entity_src_syn.entity_id              1 
_pdbx_entity_src_syn.pdbx_src_id            1 
_pdbx_entity_src_syn.pdbx_alt_source_flag   sample 
_pdbx_entity_src_syn.pdbx_beg_seq_num       ? 
_pdbx_entity_src_syn.pdbx_end_seq_num       ? 
_pdbx_entity_src_syn.organism_scientific    ? 
_pdbx_entity_src_syn.organism_common_name   ? 
_pdbx_entity_src_syn.ncbi_taxonomy_id       ? 
_pdbx_entity_src_syn.details                'This sequence is taken from residues 170-175 of human prion' 
# 
loop_
_chem_comp.id 
_chem_comp.type 
_chem_comp.mon_nstd_flag 
_chem_comp.name 
_chem_comp.pdbx_synonyms 
_chem_comp.formula 
_chem_comp.formula_weight 
ASN 'L-peptide linking' y ASPARAGINE    ? 'C4 H8 N2 O3'  132.118 
GLN 'L-peptide linking' y GLUTAMINE     ? 'C5 H10 N2 O3' 146.144 
HOH non-polymer         . WATER         ? 'H2 O'         18.015  
PHE 'L-peptide linking' y PHENYLALANINE ? 'C9 H11 N O2'  165.189 
SER 'L-peptide linking' y SERINE        ? 'C3 H7 N O3'   105.093 
# 
loop_
_pdbx_poly_seq_scheme.asym_id 
_pdbx_poly_seq_scheme.entity_id 
_pdbx_poly_seq_scheme.seq_id 
_pdbx_poly_seq_scheme.mon_id 
_pdbx_poly_seq_scheme.ndb_seq_num 
_pdbx_poly_seq_scheme.pdb_seq_num 
_pdbx_poly_seq_scheme.auth_seq_num 
_pdbx_poly_seq_scheme.pdb_mon_id 
_pdbx_poly_seq_scheme.auth_mon_id 
_pdbx_poly_seq_scheme.pdb_strand_id 
_pdbx_poly_seq_scheme.pdb_ins_code 
_pdbx_poly_seq_scheme.hetero 
A 1 1 SER 1 1 1 SER SER A . n 
A 1 2 ASN 2 2 2 ASN ASN A . n 
A 1 3 GLN 3 3 3 GLN GLN A . n 
A 1 4 ASN 4 4 4 ASN ASN A . n 
A 1 5 ASN 5 5 5 ASN ASN A . n 
A 1 6 PHE 6 6 6 PHE PHE A . n 
# 
loop_
_pdbx_nonpoly_scheme.asym_id 
_pdbx_nonpoly_scheme.entity_id 
_pdbx_nonpoly_scheme.mon_id 
_pdbx_nonpoly_scheme.ndb_seq_num 
_pdbx_nonpoly_scheme.pdb_seq_num 
_pdbx_nonpoly_scheme.auth_seq_num 
_pdbx_nonpoly_scheme.pdb_mon_id 
_pdbx_nonpoly_scheme.auth_mon_id 
_pdbx_nonpoly_scheme.pdb_strand_id 
_pdbx_nonpoly_scheme.pdb_ins_code 
B 2 HOH 1 7  1 HOH HOH A . 
B 2 HOH 2 8  2 HOH HOH A . 
B 2 HOH 3 9  3 HOH HOH A . 
B 2 HOH 4 10 4 HOH HOH A . 
B 2 HOH 5 11 5 HOH HOH A . 
# 
loop_
_software.name 
_software.version 
_software.date 
_software.type 
_software.contact_author 
_software.contact_author_email 
_software.classification 
_software.location 
_software.language 
_software.citation_id 
_software.pdbx_ordinal 
DENZO       .     ?                package 'Zbyszek Otwinowski' zbyszek@mix.swmed.edu       'data reduction'  
http://www.lnls.br/infra/linhasluz/denzo-hkl.htm ?          ? 1 
SCALEPACK   .     ?                package 'Zbyszek Otwinowski' zbyszek@mix.swmed.edu       'data scaling'    
http://www.lnls.br/infra/linhasluz/denzo-hkl.htm ?          ? 2 
PHASER      .     ?                other   'R. J. Read'         cimr-phaser@lists.cam.ac.uk phasing           
http://www-structmed.cimr.cam.ac.uk/phaser/      ?          ? 3 
REFMAC      .     ?                program 'Murshudov, G.N.'    ccp4@dl.ac.uk               refinement        
http://www.ccp4.ac.uk/main.html                  Fortran_77 ? 4 
PDB_EXTRACT 2.000 'April. 3, 2006' package PDB                  sw-help@rcsb.rutgers.edu    'data extraction' 
http://pdb.rutgers.edu/software/                 C++        ? 5 
BOS         .     ?                ?       ?                    ?                           'data collection' ? ?          ? 6 
# 
_cell.length_a           14.002 
_cell.length_b           4.879 
_cell.length_c           15.100 
_cell.angle_alpha        75.230 
_cell.angle_beta         75.880 
_cell.angle_gamma        78.890 
_cell.entry_id           2OL9 
_cell.pdbx_unique_axis   ? 
_cell.Z_PDB              1 
_cell.length_a_esd       ? 
_cell.length_b_esd       ? 
_cell.length_c_esd       ? 
_cell.angle_alpha_esd    ? 
_cell.angle_beta_esd     ? 
_cell.angle_gamma_esd    ? 
# 
_symmetry.space_group_name_H-M             'P 1' 
_symmetry.entry_id                         2OL9 
_symmetry.Int_Tables_number                1 
_symmetry.pdbx_full_space_group_name_H-M   ? 
_symmetry.cell_setting                     ? 
_symmetry.space_group_name_Hall            ? 
# 
_exptl.crystals_number   1 
_exptl.entry_id          2OL9 
_exptl.method            'X-RAY DIFFRACTION' 
# 
_exptl_crystal.id                    1 
_exptl_crystal.density_Matthews      ? 
_exptl_crystal.density_meas          ? 
_exptl_crystal.density_percent_sol   ? 
_exptl_crystal.description           ? 
_exptl_crystal.F_000                 ? 
_exptl_crystal.preparation           ? 
# 
_exptl_crystal_grow.crystal_id      1 
_exptl_crystal_grow.method          'VAPOR DIFFUSION, HANGING DROP' 
_exptl_crystal_grow.pH              7.0 
_exptl_crystal_grow.temp            298 
_exptl_crystal_grow.temp_details    ? 
_exptl_crystal_grow.pdbx_details    '200 mM Hepes, pH 7.0, VAPOR DIFFUSION, HANGING DROP, temperature 298K' 
_exptl_crystal_grow.pdbx_pH_range   . 
# 
_diffrn.id                     1 
_diffrn.ambient_temp           100 
_diffrn.ambient_temp_details   ? 
_diffrn.crystal_id             1 
# 
_diffrn_detector.diffrn_id              1 
_diffrn_detector.detector               CCD 
_diffrn_detector.type                   'ADSC QUANTUM 315' 
_diffrn_detector.pdbx_collection_date   2006-09-14 
_diffrn_detector.details                ? 
# 
_diffrn_radiation.diffrn_id                        1 
_diffrn_radiation.wavelength_id                    1 
_diffrn_radiation.pdbx_diffrn_protocol             'SINGLE WAVELENGTH' 
_diffrn_radiation.monochromator                    ? 
_diffrn_radiation.pdbx_monochromatic_or_laue_m_l   M 
_diffrn_radiation.pdbx_scattering_type             x-ray 
# 
_diffrn_radiation_wavelength.id           1 
_diffrn_radiation_wavelength.wavelength   0.88560 
_diffrn_radiation_wavelength.wt           1.0 
# 
_diffrn_source.diffrn_id                   1 
_diffrn_source.source                      SYNCHROTRON 
_diffrn_source.type                        'ALS BEAMLINE 8.2.2' 
_diffrn_source.pdbx_wavelength             0.88560 
_diffrn_source.pdbx_wavelength_list        ? 
_diffrn_source.pdbx_synchrotron_site       ALS 
_diffrn_source.pdbx_synchrotron_beamline   8.2.2 
# 
_reflns.entry_id                     2OL9 
_reflns.d_resolution_high            0.850 
_reflns.d_resolution_low             90.000 
_reflns.number_obs                   2681 
_reflns.pdbx_Rmerge_I_obs            0.036 
_reflns.pdbx_netI_over_sigmaI        48.700 
_reflns.pdbx_chi_squared             1.195 
_reflns.pdbx_redundancy              3.600 
_reflns.percent_possible_obs         82.100 
_reflns.observed_criterion_sigma_F   ? 
_reflns.observed_criterion_sigma_I   -3 
_reflns.number_all                   2681 
_reflns.pdbx_Rsym_value              ? 
_reflns.B_iso_Wilson_estimate        4.4 
_reflns.R_free_details               ? 
_reflns.limit_h_max                  ? 
_reflns.limit_h_min                  ? 
_reflns.limit_k_max                  ? 
_reflns.limit_k_min                  ? 
_reflns.limit_l_max                  ? 
_reflns.limit_l_min                  ? 
_reflns.observed_criterion_F_max     ? 
_reflns.observed_criterion_F_min     ? 
_reflns.pdbx_scaling_rejects         ? 
_reflns.pdbx_diffrn_id               1 
_reflns.pdbx_ordinal                 1 
# 
loop_
_reflns_shell.d_res_high 
_reflns_shell.d_res_low 
_reflns_shell.number_measured_obs 
_reflns_shell.number_measured_all 
_reflns_shell.number_unique_obs 
_reflns_shell.Rmerge_I_obs 
_reflns_shell.meanI_over_sigI_obs 
_reflns_shell.pdbx_Rsym_value 
_reflns_shell.pdbx_chi_squared 
_reflns_shell.pdbx_redundancy 
_reflns_shell.percent_possible_obs 
_reflns_shell.number_unique_all 
_reflns_shell.percent_possible_all 
_reflns_shell.pdbx_diffrn_id 
_reflns_shell.pdbx_ordinal 
0.85 0.88  ? ? ? 0.078 ? ? 1.139 2.30 ? 107 33.50  ? 1  
0.88 0.92  ? ? ? 0.078 ? ? 1.200 2.70 ? 175 51.90  ? 2  
0.92 0.96  ? ? ? 0.067 ? ? 1.301 3.30 ? 267 79.50  ? 3  
0.96 1.01  ? ? ? 0.055 ? ? 1.196 3.60 ? 304 92.40  ? 4  
1.01 1.07  ? ? ? 0.048 ? ? 1.387 3.80 ? 309 99.70  ? 5  
1.07 1.15  ? ? ? 0.036 ? ? 1.143 3.70 ? 293 90.20  ? 6  
1.15 1.27  ? ? ? 0.04  ? ? 1.166 3.80 ? 282 85.50  ? 7  
1.27 1.45  ? ? ? 0.037 ? ? 1.150 3.80 ? 322 100.00 ? 8  
1.45 1.83  ? ? ? 0.034 ? ? 1.186 3.70 ? 309 93.10  ? 9  
1.83 90.00 ? ? ? 0.027 ? ? 1.070 3.80 ? 313 96.00  ? 10 
# 
_refine.entry_id                                 2OL9 
_refine.ls_d_res_high                            0.850 
_refine.ls_d_res_low                             14.290 
_refine.pdbx_ls_sigma_F                          0.00 
_refine.ls_percent_reflns_obs                    82.110 
_refine.ls_number_reflns_obs                     2680 
_refine.pdbx_ls_cross_valid_method               THROUGHOUT 
_refine.pdbx_R_Free_selection_details            RANDOM 
_refine.details                                  'HYDROGENS HAVE BEEN ADDED IN THE RIDING POSITIONS' 
_refine.ls_R_factor_obs                          0.073 
_refine.ls_R_factor_R_work                       0.073 
_refine.ls_R_factor_R_free                       0.078 
_refine.ls_percent_reflns_R_free                 5.000 
_refine.ls_number_reflns_R_free                  134 
_refine.B_iso_mean                               1.335 
_refine.aniso_B[1][1]                            0.020 
_refine.aniso_B[2][2]                            -0.040 
_refine.aniso_B[3][3]                            0.020 
_refine.aniso_B[1][2]                            -0.030 
_refine.aniso_B[1][3]                            -0.060 
_refine.aniso_B[2][3]                            0.060 
_refine.correlation_coeff_Fo_to_Fc               0.992 
_refine.correlation_coeff_Fo_to_Fc_free          0.989 
_refine.pdbx_overall_ESU_R                       0.011 
_refine.pdbx_overall_ESU_R_Free                  0.011 
_refine.overall_SU_ML                            0.007 
_refine.overall_SU_B                             0.242 
_refine.solvent_model_details                    MASK 
_refine.pdbx_solvent_vdw_probe_radii             1.400 
_refine.pdbx_solvent_ion_probe_radii             0.800 
_refine.pdbx_solvent_shrinkage_radii             0.800 
_refine.pdbx_stereochemistry_target_values       'MAXIMUM LIKELIHOOD' 
_refine.pdbx_ls_sigma_I                          ? 
_refine.ls_number_reflns_all                     2680 
_refine.ls_R_factor_all                          0.073 
_refine.ls_redundancy_reflns_obs                 ? 
_refine.pdbx_data_cutoff_high_absF               ? 
_refine.pdbx_data_cutoff_low_absF                ? 
_refine.ls_number_parameters                     ? 
_refine.ls_number_restraints                     ? 
_refine.ls_R_factor_R_free_error                 ? 
_refine.ls_R_factor_R_free_error_details         ? 
_refine.pdbx_method_to_determine_struct          'MOLECULAR REPLACEMENT' 
_refine.pdbx_starting_model                      'idealized 6 residue beta strand' 
_refine.pdbx_stereochem_target_val_spec_case     ? 
_refine.solvent_model_param_bsol                 ? 
_refine.solvent_model_param_ksol                 ? 
_refine.occupancy_max                            ? 
_refine.occupancy_min                            ? 
_refine.pdbx_isotropic_thermal_model             ? 
_refine.B_iso_min                                ? 
_refine.B_iso_max                                ? 
_refine.overall_SU_R_Cruickshank_DPI             ? 
_refine.overall_SU_R_free                        ? 
_refine.pdbx_data_cutoff_high_rms_absF           ? 
_refine.ls_wR_factor_R_free                      ? 
_refine.ls_wR_factor_R_work                      ? 
_refine.overall_FOM_free_R_set                   ? 
_refine.overall_FOM_work_R_set                   ? 
_refine.pdbx_refine_id                           'X-RAY DIFFRACTION' 
_refine.pdbx_diffrn_id                           1 
_refine.pdbx_TLS_residual_ADP_flag               ? 
_refine.pdbx_overall_phase_error                 ? 
_refine.pdbx_overall_SU_R_free_Cruickshank_DPI   ? 
_refine.pdbx_overall_SU_R_Blow_DPI               ? 
_refine.pdbx_overall_SU_R_free_Blow_DPI          ? 
# 
_refine_hist.pdbx_refine_id                   'X-RAY DIFFRACTION' 
_refine_hist.cycle_id                         LAST 
_refine_hist.pdbx_number_atoms_protein        51 
_refine_hist.pdbx_number_atoms_nucleic_acid   0 
_refine_hist.pdbx_number_atoms_ligand         0 
_refine_hist.number_atoms_solvent             5 
_refine_hist.number_atoms_total               56 
_refine_hist.d_res_high                       0.850 
_refine_hist.d_res_low                        14.290 
# 
loop_
_refine_ls_restr.type 
_refine_ls_restr.number 
_refine_ls_restr.dev_ideal 
_refine_ls_restr.dev_ideal_target 
_refine_ls_restr.weight 
_refine_ls_restr.pdbx_refine_id 
_refine_ls_restr.pdbx_restraint_function 
r_bond_refined_d         51  0.005  0.021  ? 'X-RAY DIFFRACTION' ? 
r_bond_other_d           30  0.001  0.020  ? 'X-RAY DIFFRACTION' ? 
r_angle_refined_deg      68  1.019  1.828  ? 'X-RAY DIFFRACTION' ? 
r_angle_other_deg        73  0.505  3.000  ? 'X-RAY DIFFRACTION' ? 
r_dihedral_angle_1_deg   5   7.839  5.000  ? 'X-RAY DIFFRACTION' ? 
r_dihedral_angle_2_deg   5   52.080 28.000 ? 'X-RAY DIFFRACTION' ? 
r_dihedral_angle_3_deg   7   8.571  15.000 ? 'X-RAY DIFFRACTION' ? 
r_chiral_restr           6   0.073  0.200  ? 'X-RAY DIFFRACTION' ? 
r_gen_planes_refined     62  0.003  0.020  ? 'X-RAY DIFFRACTION' ? 
r_gen_planes_other       10  0.000  0.020  ? 'X-RAY DIFFRACTION' ? 
r_nbd_refined            4   0.081  0.200  ? 'X-RAY DIFFRACTION' ? 
r_nbd_other              16  0.190  0.200  ? 'X-RAY DIFFRACTION' ? 
r_nbtor_refined          20  0.176  0.200  ? 'X-RAY DIFFRACTION' ? 
r_nbtor_other            31  0.072  0.200  ? 'X-RAY DIFFRACTION' ? 
r_symmetry_vdw_refined   2   0.034  0.200  ? 'X-RAY DIFFRACTION' ? 
r_symmetry_vdw_other     10  0.190  0.200  ? 'X-RAY DIFFRACTION' ? 
r_symmetry_hbond_refined 1   0.081  0.200  ? 'X-RAY DIFFRACTION' ? 
r_mcbond_it              39  0.394  1.500  ? 'X-RAY DIFFRACTION' ? 
r_mcbond_other           11  0.073  1.500  ? 'X-RAY DIFFRACTION' ? 
r_mcangle_it             47  0.484  2.000  ? 'X-RAY DIFFRACTION' ? 
r_scbond_it              24  0.651  3.000  ? 'X-RAY DIFFRACTION' ? 
r_scangle_it             21  0.857  4.500  ? 'X-RAY DIFFRACTION' ? 
r_rigid_bond_restr       107 0.688  3.000  ? 'X-RAY DIFFRACTION' ? 
r_sphericity_free        5   1.686  3.000  ? 'X-RAY DIFFRACTION' ? 
r_sphericity_bonded      81  0.569  3.000  ? 'X-RAY DIFFRACTION' ? 
# 
_refine_ls_shell.d_res_high                       0.850 
_refine_ls_shell.d_res_low                        0.873 
_refine_ls_shell.pdbx_total_number_of_bins_used   20 
_refine_ls_shell.percent_reflns_obs               31.400 
_refine_ls_shell.number_reflns_R_work             72 
_refine_ls_shell.R_factor_all                     ? 
_refine_ls_shell.R_factor_R_work                  0.175 
_refine_ls_shell.R_factor_R_free                  0.052 
_refine_ls_shell.percent_reflns_R_free            ? 
_refine_ls_shell.number_reflns_R_free             4 
_refine_ls_shell.R_factor_R_free_error            ? 
_refine_ls_shell.number_reflns_all                ? 
_refine_ls_shell.number_reflns_obs                76 
_refine_ls_shell.redundancy_reflns_obs            ? 
_refine_ls_shell.pdbx_refine_id                   'X-RAY DIFFRACTION' 
# 
_struct.entry_id                  2OL9 
_struct.title                     'Peptide corresponding to residues 170-175 of human prion' 
_struct.pdbx_model_details        ? 
_struct.pdbx_CASP_flag            ? 
_struct.pdbx_model_type_details   ? 
# 
_struct_keywords.entry_id        2OL9 
_struct_keywords.pdbx_keywords   'PROTEIN FIBRIL' 
_struct_keywords.text            'steric zipper, beta sheet, PROTEIN FIBRIL' 
# 
loop_
_struct_asym.id 
_struct_asym.pdbx_blank_PDB_chainid_flag 
_struct_asym.pdbx_modified 
_struct_asym.entity_id 
_struct_asym.details 
A N N 1 ? 
B N N 2 ? 
# 
_struct_ref.id                         1 
_struct_ref.entity_id                  1 
_struct_ref.db_name                    PDB 
_struct_ref.db_code                    2OL9 
_struct_ref.pdbx_db_accession          2OL9 
_struct_ref.pdbx_db_isoform            ? 
_struct_ref.pdbx_seq_one_letter_code   ? 
_struct_ref.pdbx_align_begin           ? 
# 
_struct_ref_seq.align_id                      1 
_struct_ref_seq.ref_id                        1 
_struct_ref_seq.pdbx_PDB_id_code              2OL9 
_struct_ref_seq.pdbx_strand_id                A 
_struct_ref_seq.seq_align_beg                 1 
_struct_ref_seq.pdbx_seq_align_beg_ins_code   ? 
_struct_ref_seq.seq_align_end                 6 
_struct_ref_seq.pdbx_seq_align_end_ins_code   ? 
_struct_ref_seq.pdbx_db_accession             2OL9 
_struct_ref_seq.db_align_beg                  1 
_struct_ref_seq.pdbx_db_align_beg_ins_code    ? 
_struct_ref_seq.db_align_end                  6 
_struct_ref_seq.pdbx_db_align_end_ins_code    ? 
_struct_ref_seq.pdbx_auth_seq_align_beg       1 
_struct_ref_seq.pdbx_auth_seq_align_end       6 
# 
_pdbx_struct_assembly.id                   1 
_pdbx_struct_assembly.details              author_defined_assembly 
_pdbx_struct_assembly.method_details       ? 
_pdbx_struct_assembly.oligomeric_details   dimeric 
_pdbx_struct_assembly.oligomeric_count     2 
# 
_pdbx_struct_assembly_gen.assembly_id       1 
_pdbx_struct_assembly_gen.oper_expression   1,2 
_pdbx_struct_assembly_gen.asym_id_list      A,B 
# 
loop_
_pdbx_struct_oper_list.id 
_pdbx_struct_oper_list.type 
_pdbx_struct_oper_list.name 
_pdbx_struct_oper_list.symmetry_operation 
_pdbx_struct_oper_list.matrix[1][1] 
_pdbx_struct_oper_list.matrix[1][2] 
_pdbx_struct_oper_list.matrix[1][3] 
_pdbx_struct_oper_list.vector[1] 
_pdbx_struct_oper_list.matrix[2][1] 
_pdbx_struct_oper_list.matrix[2][2] 
_pdbx_struct_oper_list.matrix[2][3] 
_pdbx_struct_oper_list.vector[2] 
_pdbx_struct_oper_list.matrix[3][1] 
_pdbx_struct_oper_list.matrix[3][2] 
_pdbx_struct_oper_list.matrix[3][3] 
_pdbx_struct_oper_list.vector[3] 
1 'identity operation'         1_555 x,y,z   1.0000000000 0.0000000000 0.0000000000 0.0000000000 0.0000000000 1.0000000000 0.0000000000 0.0000000000 0.0000000000 0.0000000000 1.0000000000 0.0000000000 
2 'crystal symmetry operation' 1_565 x,y+1,z 1.0000000000 0.0000000000 0.0000000000 2.6030377182 0.0000000000 1.0000000000 0.0000000000 3.9408071350 0.0000000000 0.0000000000 1.0000000000 1.2242854090 
# 
_diffrn_reflns.diffrn_id                   1 
_diffrn_reflns.pdbx_d_res_high             0.850 
_diffrn_reflns.pdbx_d_res_low              90.000 
_diffrn_reflns.pdbx_number_obs             2681 
_diffrn_reflns.pdbx_Rmerge_I_obs           0.036 
_diffrn_reflns.pdbx_Rsym_value             ? 
_diffrn_reflns.pdbx_chi_squared            1.20 
_diffrn_reflns.av_sigmaI_over_netI         48.70 
_diffrn_reflns.pdbx_redundancy             3.60 
_diffrn_reflns.pdbx_percent_possible_obs   82.10 
_diffrn_reflns.number                      9598 
_diffrn_reflns.pdbx_observed_criterion     ? 
_diffrn_reflns.limit_h_max                 ? 
_diffrn_reflns.limit_h_min                 ? 
_diffrn_reflns.limit_k_max                 ? 
_diffrn_reflns.limit_k_min                 ? 
_diffrn_reflns.limit_l_max                 ? 
_diffrn_reflns.limit_l_min                 ? 
# 
loop_
_pdbx_diffrn_reflns_shell.diffrn_id 
_pdbx_diffrn_reflns_shell.d_res_high 
_pdbx_diffrn_reflns_shell.d_res_low 
_pdbx_diffrn_reflns_shell.number_obs 
_pdbx_diffrn_reflns_shell.rejects 
_pdbx_diffrn_reflns_shell.Rmerge_I_obs 
_pdbx_diffrn_reflns_shell.Rsym_value 
_pdbx_diffrn_reflns_shell.chi_squared 
_pdbx_diffrn_reflns_shell.redundancy 
_pdbx_diffrn_reflns_shell.percent_possible_obs 
1 1.83 90.00 ? ? 0.027 ? 1.070 3.80 96.00  
1 1.45 1.83  ? ? 0.034 ? 1.186 3.70 93.10  
1 1.27 1.45  ? ? 0.037 ? 1.150 3.80 100.00 
1 1.15 1.27  ? ? 0.040 ? 1.166 3.80 85.50  
1 1.07 1.15  ? ? 0.036 ? 1.143 3.70 90.20  
1 1.01 1.07  ? ? 0.048 ? 1.387 3.80 99.70  
1 0.96 1.01  ? ? 0.055 ? 1.196 3.60 92.40  
1 0.92 0.96  ? ? 0.067 ? 1.301 3.30 79.50  
1 0.88 0.92  ? ? 0.078 ? 1.200 2.70 51.90  
1 0.85 0.88  ? ? 0.078 ? 1.139 2.30 33.50  
# 
loop_
_chem_comp_atom.comp_id 
_chem_comp_atom.atom_id 
_chem_comp_atom.type_symbol 
_chem_comp_atom.pdbx_aromatic_flag 
_chem_comp_atom.pdbx_stereo_config 
_chem_comp_atom.pdbx_ordinal 
ASN N    N N N 1  
ASN CA   C N S 2  
ASN C    C N N 3  
ASN O    O N N 4  
ASN CB   C N N 5  
ASN CG   C N N 6  
ASN OD1  O N N 7  
ASN ND2  N N N 8  
ASN OXT  O N N 9  
ASN H    H N N 10 
ASN H2   H N N 11 
ASN HA   H N N 12 
ASN HB2  H N N 13 
ASN HB3  H N N 14 
ASN HD21 H N N 15 
ASN HD22 H N N 16 
ASN HXT  H N N 17 
GLN N    N N N 18 
GLN CA   C N S 19 
GLN C    C N N 20 
GLN O    O N N 21 
GLN CB   C N N 22 
GLN CG   C N N 23 
GLN CD   C N N 24 
GLN OE1  O N N 25 
GLN NE2  N N N 26 
GLN OXT  O N N 27 
GLN H    H N N 28 
GLN H2   H N N 29 
GLN HA   H N N 30 
GLN HB2  H N N 31 
GLN HB3  H N N 32 
GLN HG2  H N N 33 
GLN HG3  H N N 34 
GLN HE21 H N N 35 
GLN HE22 H N N 36 
GLN HXT  H N N 37 
HOH O    O N N 38 
HOH H1   H N N 39 
HOH H2   H N N 40 
PHE N    N N N 41 
PHE CA   C N S 42 
PHE C    C N N 43 
PHE O    O N N 44 
PHE CB   C N N 45 
PHE CG   C Y N 46 
PHE CD1  C Y N 47 
PHE CD2  C Y N 48 
PHE CE1  C Y N 49 
PHE CE2  C Y N 50 
PHE CZ   C Y N 51 
PHE OXT  O N N 52 
PHE H    H N N 53 
PHE H2   H N N 54 
PHE HA   H N N 55 
PHE HB2  H N N 56 
PHE HB3  H N N 57 
PHE HD1  H N N 58 
PHE HD2  H N N 59 
PHE HE1  H N N 60 
PHE HE2  H N N 61 
PHE HZ   H N N 62 
PHE HXT  H N N 63 
SER N    N N N 64 
SER CA   C N S 65 
SER C    C N N 66 
SER O    O N N 67 
SER CB   C N N 68 
SER OG   O N N 69 
SER OXT  O N N 70 
SER H    H N N 71 
SER H2   H N N 72 
SER HA   H N N 73 
SER HB2  H N N 74 
SER HB3  H N N 75 
SER HG   H N N 76 
SER HXT  H N N 77 
# 
loop_
_chem_comp_bond.comp_id 
_chem_comp_bond.atom_id_1 
_chem_comp_bond.atom_id_2 
_chem_comp_bond.value_order 
_chem_comp_bond.pdbx_aromatic_flag 
_chem_comp_bond.pdbx_stereo_config 
_chem_comp_bond.pdbx_ordinal 
ASN N   CA   sing N N 1  
ASN N   H    sing N N 2  
ASN N   H2   sing N N 3  
ASN CA  C    sing N N 4  
ASN CA  CB   sing N N 5  
ASN CA  HA   sing N N 6  
ASN C   O    doub N N 7  
ASN C   OXT  sing N N 8  
ASN CB  CG   sing N N 9  
ASN CB  HB2  sing N N 10 
ASN CB  HB3  sing N N 11 
ASN CG  OD1  doub N N 12 
ASN CG  ND2  sing N N 13 
ASN ND2 HD21 sing N N 14 
ASN ND2 HD22 sing N N 15 
ASN OXT HXT  sing N N 16 
GLN N   CA   sing N N 17 
GLN N   H    sing N N 18 
GLN N   H2   sing N N 19 
GLN CA  C    sing N N 20 
GLN CA  CB   sing N N 21 
GLN CA  HA   sing N N 22 
GLN C   O    doub N N 23 
GLN C   OXT  sing N N 24 
GLN CB  CG   sing N N 25 
GLN CB  HB2  sing N N 26 
GLN CB  HB3  sing N N 27 
GLN CG  CD   sing N N 28 
GLN CG  HG2  sing N N 29 
GLN CG  HG3  sing N N 30 
GLN CD  OE1  doub N N 31 
GLN CD  NE2  sing N N 32 
GLN NE2 HE21 sing N N 33 
GLN NE2 HE22 sing N N 34 
GLN OXT HXT  sing N N 35 
HOH O   H1   sing N N 36 
HOH O   H2   sing N N 37 
PHE N   CA   sing N N 38 
PHE N   H    sing N N 39 
PHE N   H2   sing N N 40 
PHE CA  C    sing N N 41 
PHE CA  CB   sing N N 42 
PHE CA  HA   sing N N 43 
PHE C   O    doub N N 44 
PHE C   OXT  sing N N 45 
PHE CB  CG   sing N N 46 
PHE CB  HB2  sing N N 47 
PHE CB  HB3  sing N N 48 
PHE CG  CD1  doub Y N 49 
PHE CG  CD2  sing Y N 50 
PHE CD1 CE1  sing Y N 51 
PHE CD1 HD1  sing N N 52 
PHE CD2 CE2  doub Y N 53 
PHE CD2 HD2  sing N N 54 
PHE CE1 CZ   doub Y N 55 
PHE CE1 HE1  sing N N 56 
PHE CE2 CZ   sing Y N 57 
PHE CE2 HE2  sing N N 58 
PHE CZ  HZ   sing N N 59 
PHE OXT HXT  sing N N 60 
SER N   CA   sing N N 61 
SER N   H    sing N N 62 
SER N   H2   sing N N 63 
SER CA  C    sing N N 64 
SER CA  CB   sing N N 65 
SER CA  HA   sing N N 66 
SER C   O    doub N N 67 
SER C   OXT  sing N N 68 
SER CB  OG   sing N N 69 
SER CB  HB2  sing N N 70 
SER CB  HB3  sing N N 71 
SER OG  HG   sing N N 72 
SER OXT HXT  sing N N 73 
# 
_pdbx_initial_refinement_model.accession_code   ? 
_pdbx_initial_refinement_model.id               1 
_pdbx_initial_refinement_model.entity_id_list   ? 
_pdbx_initial_refinement_model.type             'in silico model' 
_pdbx_initial_refinement_model.source_name      Other 
_pdbx_initial_refinement_model.details          'idealized 6 residue beta strand' 
# 
_atom_sites.entry_id                    2OL9 
_atom_sites.fract_transf_matrix[1][1]   0.05642942 
_atom_sites.fract_transf_matrix[1][2]   -0.04373400 
_atom_sites.fract_transf_matrix[1][3]   0.02081718 
_atom_sites.fract_transf_matrix[2][1]   0.10693422 
_atom_sites.fract_transf_matrix[2][2]   0.18528411 
_atom_sites.fract_transf_matrix[2][3]   -0.00697135 
_atom_sites.fract_transf_matrix[3][1]   -0.03649552 
_atom_sites.fract_transf_matrix[3][2]   0.00564021 
_atom_sites.fract_transf_matrix[3][3]   0.05944060 
_atom_sites.fract_transf_vector[1]      0.239694 
_atom_sites.fract_transf_vector[2]      -0.126854 
_atom_sites.fract_transf_vector[3]      0.349960 
# 
loop_
_atom_type.symbol 
C 
N 
O 
# 
loop_
_atom_site.group_PDB 
_atom_site.id 
_atom_site.type_symbol 
_atom_site.label_atom_id 
_atom_site.label_alt_id 
_atom_site.label_comp_id 
_atom_site.label_asym_id 
_atom_site.label_entity_id 
_atom_site.label_seq_id 
_atom_site.pdbx_PDB_ins_code 
_atom_site.Cartn_x 
_atom_site.Cartn_y 
_atom_site.Cartn_z 
_atom_site.occupancy 
_atom_site.B_iso_or_equiv 
_atom_site.pdbx_formal_charge 
_atom_site.auth_seq_id 
_atom_site.auth_comp_id 
_atom_site.auth_asym_id 
_atom_site.auth_atom_id 
_atom_site.pdbx_PDB_model_num 
ATOM   1  N N   . SER A 1 1 ? 1.442  -4.293 8.501  1.00 1.56 ? 1  SER A N   1 
ATOM   2  C CA  . SER A 1 1 ? 1.990  -3.192 7.663  1.00 1.52 ? 1  SER A CA  1 
ATOM   3  C C   . SER A 1 1 ? 1.233  -3.150 6.342  1.00 1.32 ? 1  SER A C   1 
ATOM   4  O O   . SER A 1 1 ? 0.701  -4.168 5.895  1.00 1.51 ? 1  SER A O   1 
ATOM   5  C CB  . SER A 1 1 ? 3.493  -3.385 7.445  1.00 1.83 ? 1  SER A CB  1 
ATOM   6  O OG  . SER A 1 1 ? 4.212  -3.135 8.645  1.00 2.69 ? 1  SER A OG  1 
ATOM   7  N N   . ASN A 1 2 ? 1.178  -1.968 5.732  1.00 1.24 ? 2  ASN A N   1 
ATOM   8  C CA  . ASN A 1 2 ? 0.307  -1.725 4.585  1.00 1.29 ? 2  ASN A CA  1 
ATOM   9  C C   . ASN A 1 2 ? 1.023  -1.039 3.440  1.00 1.16 ? 2  ASN A C   1 
ATOM   10 O O   . ASN A 1 2 ? 1.826  -0.130 3.654  1.00 1.76 ? 2  ASN A O   1 
ATOM   11 C CB  . ASN A 1 2 ? -0.868 -0.839 4.996  1.00 1.36 ? 2  ASN A CB  1 
ATOM   12 C CG  . ASN A 1 2 ? -1.602 -1.374 6.200  1.00 1.37 ? 2  ASN A CG  1 
ATOM   13 O OD1 . ASN A 1 2 ? -2.131 -2.487 6.176  1.00 1.78 ? 2  ASN A OD1 1 
ATOM   14 N ND2 . ASN A 1 2 ? -1.635 -0.586 7.268  1.00 1.73 ? 2  ASN A ND2 1 
ATOM   15 N N   . GLN A 1 3 ? 0.702  -1.461 2.221  1.00 1.02 ? 3  GLN A N   1 
ATOM   16 C CA  . GLN A 1 3 ? 1.155  -0.768 1.027  1.00 1.02 ? 3  GLN A CA  1 
ATOM   17 C C   . GLN A 1 3 ? -0.017 -0.548 0.083  1.00 1.02 ? 3  GLN A C   1 
ATOM   18 O O   . GLN A 1 3 ? -0.727 -1.495 -0.260 1.00 1.31 ? 3  GLN A O   1 
ATOM   19 C CB  . GLN A 1 3 ? 2.246  -1.559 0.313  1.00 0.98 ? 3  GLN A CB  1 
ATOM   20 C CG  . GLN A 1 3 ? 2.886  -0.796 -0.833 1.00 1.01 ? 3  GLN A CG  1 
ATOM   21 C CD  . GLN A 1 3 ? 3.875  -1.643 -1.591 1.00 1.00 ? 3  GLN A CD  1 
ATOM   22 O OE1 . GLN A 1 3 ? 3.497  -2.625 -2.232 1.00 1.04 ? 3  GLN A OE1 1 
ATOM   23 N NE2 . GLN A 1 3 ? 5.149  -1.278 -1.521 1.00 1.42 ? 3  GLN A NE2 1 
ATOM   24 N N   . ASN A 1 4 ? -0.210 0.706  -0.319 1.00 1.05 ? 4  ASN A N   1 
ATOM   25 C CA  . ASN A 1 4 ? -1.161 1.066  -1.366 1.00 1.23 ? 4  ASN A CA  1 
ATOM   26 C C   . ASN A 1 4 ? -0.389 1.481  -2.605 1.00 1.07 ? 4  ASN A C   1 
ATOM   27 O O   . ASN A 1 4 ? 0.456  2.376  -2.540 1.00 1.61 ? 4  ASN A O   1 
ATOM   28 C CB  . ASN A 1 4 ? -2.046 2.232  -0.930 1.00 1.36 ? 4  ASN A CB  1 
ATOM   29 C CG  . ASN A 1 4 ? -3.050 1.844  0.134  1.00 2.12 ? 4  ASN A CG  1 
ATOM   30 O OD1 . ASN A 1 4 ? -3.666 0.778  0.071  1.00 3.56 ? 4  ASN A OD1 1 
ATOM   31 N ND2 . ASN A 1 4 ? -3.234 2.724  1.113  1.00 2.35 ? 4  ASN A ND2 1 
ATOM   32 N N   . ASN A 1 5 ? -0.692 0.832  -3.725 1.00 1.08 ? 5  ASN A N   1 
ATOM   33 C CA  . ASN A 1 5 ? -0.048 1.103  -5.000 1.00 1.13 ? 5  ASN A CA  1 
ATOM   34 C C   . ASN A 1 5 ? -1.103 1.585  -5.977 1.00 1.32 ? 5  ASN A C   1 
ATOM   35 O O   . ASN A 1 5 ? -1.835 0.791  -6.570 1.00 1.83 ? 5  ASN A O   1 
ATOM   36 C CB  . ASN A 1 5 ? 0.638  -0.162 -5.492 1.00 1.05 ? 5  ASN A CB  1 
ATOM   37 C CG  . ASN A 1 5 ? 1.571  -0.726 -4.453 1.00 1.01 ? 5  ASN A CG  1 
ATOM   38 O OD1 . ASN A 1 5 ? 2.510  -0.052 -4.031 1.00 1.18 ? 5  ASN A OD1 1 
ATOM   39 N ND2 . ASN A 1 5 ? 1.298  -1.942 -3.997 1.00 1.36 ? 5  ASN A ND2 1 
ATOM   40 N N   . PHE A 1 6 ? -1.201 2.903  -6.102 1.00 1.53 ? 6  PHE A N   1 
ATOM   41 C CA  . PHE A 1 6 ? -2.244 3.516  -6.909 1.00 1.58 ? 6  PHE A CA  1 
ATOM   42 C C   . PHE A 1 6 ? -1.893 3.498  -8.393 1.00 1.76 ? 6  PHE A C   1 
ATOM   43 O O   . PHE A 1 6 ? -0.718 3.408  -8.775 1.00 2.57 ? 6  PHE A O   1 
ATOM   44 C CB  . PHE A 1 6 ? -2.514 4.940  -6.429 1.00 1.77 ? 6  PHE A CB  1 
ATOM   45 C CG  . PHE A 1 6 ? -3.169 5.008  -5.076 1.00 1.88 ? 6  PHE A CG  1 
ATOM   46 C CD1 . PHE A 1 6 ? -2.416 5.221  -3.926 1.00 2.32 ? 6  PHE A CD1 1 
ATOM   47 C CD2 . PHE A 1 6 ? -4.542 4.849  -4.951 1.00 2.11 ? 6  PHE A CD2 1 
ATOM   48 C CE1 . PHE A 1 6 ? -3.027 5.281  -2.677 1.00 2.54 ? 6  PHE A CE1 1 
ATOM   49 C CE2 . PHE A 1 6 ? -5.159 4.909  -3.709 1.00 2.47 ? 6  PHE A CE2 1 
ATOM   50 C CZ  . PHE A 1 6 ? -4.400 5.126  -2.571 1.00 2.66 ? 6  PHE A CZ  1 
ATOM   51 O OXT . PHE A 1 6 ? -2.811 3.560  -9.220 1.00 1.94 ? 6  PHE A OXT 1 
HETATM 52 O O   . HOH B 2 . ? -1.347 -4.166 8.361  1.00 2.07 ? 7  HOH A O   1 
HETATM 53 O O   . HOH B 2 . ? -4.400 0.739  5.608  1.00 2.94 ? 8  HOH A O   1 
HETATM 54 O O   . HOH B 2 . ? -4.813 -1.421 3.951  1.00 3.34 ? 9  HOH A O   1 
HETATM 55 O O   . HOH B 2 . ? 3.616  -6.152 9.518  1.00 5.20 ? 10 HOH A O   1 
HETATM 56 O O   . HOH B 2 . ? -2.872 -1.311 1.983  1.00 6.14 ? 11 HOH A O   1 
# 
loop_
_atom_site_anisotrop.id 
_atom_site_anisotrop.type_symbol 
_atom_site_anisotrop.pdbx_label_atom_id 
_atom_site_anisotrop.pdbx_label_alt_id 
_atom_site_anisotrop.pdbx_label_comp_id 
_atom_site_anisotrop.pdbx_label_asym_id 
_atom_site_anisotrop.pdbx_label_seq_id 
_atom_site_anisotrop.pdbx_PDB_ins_code 
_atom_site_anisotrop.U[1][1] 
_atom_site_anisotrop.U[2][2] 
_atom_site_anisotrop.U[3][3] 
_atom_site_anisotrop.U[1][2] 
_atom_site_anisotrop.U[1][3] 
_atom_site_anisotrop.U[2][3] 
_atom_site_anisotrop.pdbx_auth_seq_id 
_atom_site_anisotrop.pdbx_auth_comp_id 
_atom_site_anisotrop.pdbx_auth_asym_id 
_atom_site_anisotrop.pdbx_auth_atom_id 
1  N N   . SER A 1 ? 0.0188 0.0220 0.0182 0.0015  -0.0009 0.0010  1  SER A N   
2  C CA  . SER A 1 ? 0.0188 0.0194 0.0195 0.0008  -0.0015 0.0004  1  SER A CA  
3  C C   . SER A 1 ? 0.0170 0.0168 0.0161 0.0002  0.0003  0.0003  1  SER A C   
4  O O   . SER A 1 ? 0.0225 0.0165 0.0181 -0.0003 -0.0011 -0.0003 1  SER A O   
5  C CB  . SER A 1 ? 0.0207 0.0231 0.0255 0.0012  -0.0003 -0.0003 1  SER A CB  
6  O OG  . SER A 1 ? 0.0236 0.0365 0.0420 0.0023  -0.0075 0.0023  1  SER A OG  
7  N N   . ASN A 2 ? 0.0172 0.0158 0.0142 -0.0013 -0.0005 -0.0002 2  ASN A N   
8  C CA  . ASN A 2 ? 0.0181 0.0165 0.0141 -0.0012 0.0003  0.0003  2  ASN A CA  
9  C C   . ASN A 2 ? 0.0177 0.0139 0.0122 -0.0022 0.0007  0.0003  2  ASN A C   
10 O O   . ASN A 2 ? 0.0281 0.0221 0.0164 -0.0085 0.0016  -0.0008 2  ASN A O   
11 C CB  . ASN A 2 ? 0.0196 0.0169 0.0149 -0.0004 0.0013  0.0004  2  ASN A CB  
12 C CG  . ASN A 2 ? 0.0151 0.0197 0.0170 -0.0003 0.0012  0.0002  2  ASN A CG  
13 O OD1 . ASN A 2 ? 0.0204 0.0251 0.0222 -0.0048 0.0018  -0.0021 2  ASN A OD1 
14 N ND2 . ASN A 2 ? 0.0222 0.0237 0.0198 -0.0024 0.0035  -0.0016 2  ASN A ND2 
15 N N   . GLN A 3 ? 0.0155 0.0123 0.0107 -0.0015 0.0008  0.0004  3  GLN A N   
16 C CA  . GLN A 3 ? 0.0146 0.0119 0.0119 -0.0004 0.0005  0.0007  3  GLN A CA  
17 C C   . GLN A 3 ? 0.0142 0.0124 0.0118 -0.0004 0.0007  0.0000  3  GLN A C   
18 O O   . GLN A 3 ? 0.0192 0.0134 0.0170 -0.0025 -0.0016 0.0004  3  GLN A O   
19 C CB  . GLN A 3 ? 0.0140 0.0116 0.0114 0.0001  0.0005  0.0010  3  GLN A CB  
20 C CG  . GLN A 3 ? 0.0136 0.0129 0.0119 0.0005  0.0004  0.0002  3  GLN A CG  
21 C CD  . GLN A 3 ? 0.0149 0.0104 0.0124 0.0008  -0.0011 0.0006  3  GLN A CD  
22 O OE1 . GLN A 3 ? 0.0163 0.0095 0.0138 0.0024  -0.0006 -0.0016 3  GLN A OE1 
23 N NE2 . GLN A 3 ? 0.0154 0.0148 0.0237 -0.0002 -0.0012 0.0011  3  GLN A NE2 
24 N N   . ASN A 4 ? 0.0136 0.0130 0.0131 0.0002  -0.0002 -0.0006 4  ASN A N   
25 C CA  . ASN A 4 ? 0.0153 0.0156 0.0155 0.0000  0.0004  -0.0002 4  ASN A CA  
26 C C   . ASN A 4 ? 0.0141 0.0119 0.0143 0.0010  -0.0006 0.0000  4  ASN A C   
27 O O   . ASN A 4 ? 0.0233 0.0186 0.0188 -0.0045 0.0012  0.0014  4  ASN A O   
28 C CB  . ASN A 4 ? 0.0171 0.0162 0.0181 0.0012  0.0003  -0.0019 4  ASN A CB  
29 C CG  . ASN A 4 ? 0.0243 0.0271 0.0293 -0.0008 0.0068  -0.0048 4  ASN A CG  
30 O OD1 . ASN A 4 ? 0.0417 0.0420 0.0513 -0.0097 0.0184  -0.0112 4  ASN A OD1 
31 N ND2 . ASN A 4 ? 0.0302 0.0287 0.0303 -0.0014 0.0085  -0.0064 4  ASN A ND2 
32 N N   . ASN A 5 ? 0.0144 0.0131 0.0134 0.0005  -0.0003 0.0013  5  ASN A N   
33 C CA  . ASN A 5 ? 0.0146 0.0141 0.0142 0.0008  -0.0010 0.0009  5  ASN A CA  
34 C C   . ASN A 5 ? 0.0164 0.0165 0.0173 0.0011  -0.0018 0.0019  5  ASN A C   
35 O O   . ASN A 5 ? 0.0200 0.0215 0.0279 0.0006  -0.0082 0.0016  5  ASN A O   
36 C CB  . ASN A 5 ? 0.0145 0.0138 0.0113 0.0010  -0.0005 0.0000  5  ASN A CB  
37 C CG  . ASN A 5 ? 0.0142 0.0136 0.0103 0.0012  0.0022  -0.0005 5  ASN A CG  
38 O OD1 . ASN A 5 ? 0.0160 0.0163 0.0126 -0.0020 -0.0001 -0.0006 5  ASN A OD1 
39 N ND2 . ASN A 5 ? 0.0192 0.0148 0.0174 0.0000  0.0008  0.0006  5  ASN A ND2 
40 N N   . PHE A 6 ? 0.0191 0.0175 0.0215 0.0007  -0.0048 0.0022  6  PHE A N   
41 C CA  . PHE A 6 ? 0.0188 0.0197 0.0213 0.0022  -0.0026 0.0018  6  PHE A CA  
42 C C   . PHE A 6 ? 0.0191 0.0240 0.0235 0.0039  -0.0024 0.0024  6  PHE A C   
43 O O   . PHE A 6 ? 0.0247 0.0397 0.0333 0.0050  0.0003  0.0038  6  PHE A O   
44 C CB  . PHE A 6 ? 0.0222 0.0200 0.0248 0.0018  -0.0033 0.0007  6  PHE A CB  
45 C CG  . PHE A 6 ? 0.0250 0.0199 0.0263 0.0022  -0.0022 0.0010  6  PHE A CG  
46 C CD1 . PHE A 6 ? 0.0303 0.0283 0.0295 -0.0008 -0.0024 0.0000  6  PHE A CD1 
47 C CD2 . PHE A 6 ? 0.0268 0.0242 0.0292 0.0024  -0.0008 -0.0002 6  PHE A CD2 
48 C CE1 . PHE A 6 ? 0.0366 0.0305 0.0294 -0.0008 -0.0024 -0.0007 6  PHE A CE1 
49 C CE2 . PHE A 6 ? 0.0301 0.0297 0.0339 0.0036  0.0022  0.0006  6  PHE A CE2 
50 C CZ  . PHE A 6 ? 0.0395 0.0293 0.0322 0.0015  0.0034  -0.0012 6  PHE A CZ  
51 O OXT . PHE A 6 ? 0.0209 0.0309 0.0217 0.0055  -0.0023 0.0002  6  PHE A OXT 
52 O O   . HOH B . ? 0.0266 0.0294 0.0223 0.0049  0.0062  0.0005  7  HOH A O   
53 O O   . HOH B . ? 0.0294 0.0404 0.0416 0.0018  0.0024  0.0018  8  HOH A O   
54 O O   . HOH B . ? 0.0366 0.0481 0.0418 -0.0026 0.0050  0.0039  9  HOH A O   
55 O O   . HOH B . ? 0.0631 0.0806 0.0539 0.0220  0.0042  0.0020  10 HOH A O   
56 O O   . HOH B . ? 0.0702 0.0897 0.0735 0.0057  0.0073  0.0059  11 HOH A O   
# 
